data_4QR2
#
_entry.id   4QR2
#
_cell.length_a   55.260
_cell.length_b   55.260
_cell.length_c   117.821
_cell.angle_alpha   90.00
_cell.angle_beta   90.00
_cell.angle_gamma   90.00
#
_symmetry.space_group_name_H-M   'P 41 21 2'
#
loop_
_entity.id
_entity.type
_entity.pdbx_description
1 polymer 'CRISPR-associated endoribonuclease Cas2'
2 water water
#
_entity_poly.entity_id   1
_entity_poly.type   'polypeptide(L)'
_entity_poly.pdbx_seq_one_letter_code
;MMVLVTYDVNTETPAGRKRLRHVAKLCVDYGQRVQNSVFECSVTPAEFVDIKHRLTQIIDEKTDSIRFYLLGKNWQRRVE
TLGRSDSYDPDKGVLLL
;
_entity_poly.pdbx_strand_id   A,B
#
# COMPACT_ATOMS: atom_id res chain seq x y z
N MET A 1 -18.13 3.82 -1.35
CA MET A 1 -17.05 3.41 -2.29
C MET A 1 -16.01 2.84 -1.32
N MET A 2 -15.34 1.76 -1.70
CA MET A 2 -14.23 1.26 -0.87
C MET A 2 -12.97 1.77 -1.54
N VAL A 3 -12.17 2.44 -0.78
CA VAL A 3 -10.98 3.07 -1.31
C VAL A 3 -9.79 2.62 -0.48
N LEU A 4 -8.84 2.01 -1.14
CA LEU A 4 -7.53 1.73 -0.51
C LEU A 4 -6.58 2.90 -0.61
N VAL A 5 -6.07 3.35 0.53
CA VAL A 5 -5.19 4.49 0.57
C VAL A 5 -3.79 3.97 0.91
N THR A 6 -2.80 4.30 0.05
CA THR A 6 -1.45 3.98 0.32
C THR A 6 -0.60 5.24 0.37
N TYR A 7 0.03 5.45 1.55
CA TYR A 7 0.79 6.64 1.83
C TYR A 7 2.26 6.34 1.90
N ASP A 8 3.05 6.99 1.04
CA ASP A 8 4.50 6.85 1.01
C ASP A 8 5.12 8.11 1.62
N VAL A 9 5.70 7.89 2.79
CA VAL A 9 6.35 8.94 3.54
C VAL A 9 7.59 8.26 4.17
N ASN A 10 8.62 9.08 4.33
CA ASN A 10 9.87 8.67 4.90
C ASN A 10 9.86 8.68 6.40
N THR A 11 9.70 7.52 7.03
CA THR A 11 9.53 7.44 8.52
C THR A 11 10.88 7.49 9.26
N GLU A 12 12.00 7.69 8.52
CA GLU A 12 13.24 7.94 9.12
C GLU A 12 13.37 9.34 9.69
N THR A 13 12.43 10.24 9.41
CA THR A 13 12.48 11.59 9.93
C THR A 13 11.33 11.75 10.90
N PRO A 14 11.52 12.52 12.00
CA PRO A 14 10.38 12.74 12.88
C PRO A 14 9.28 13.49 12.14
N ALA A 15 9.65 14.41 11.22
CA ALA A 15 8.54 15.14 10.52
C ALA A 15 7.70 14.20 9.70
N GLY A 16 8.36 13.22 9.04
CA GLY A 16 7.65 12.23 8.28
C GLY A 16 6.78 11.34 9.13
N ARG A 17 7.27 11.00 10.33
CA ARG A 17 6.47 10.18 11.23
C ARG A 17 5.27 10.98 11.73
N LYS A 18 5.46 12.28 11.94
CA LYS A 18 4.37 13.16 12.36
C LYS A 18 3.28 13.26 11.33
N ARG A 19 3.70 13.46 10.10
CA ARG A 19 2.74 13.44 9.00
C ARG A 19 1.99 12.13 8.94
N LEU A 20 2.67 11.02 9.11
CA LEU A 20 1.99 9.72 9.08
C LEU A 20 1.01 9.63 10.22
N ARG A 21 1.33 10.15 11.41
CA ARG A 21 0.34 10.11 12.51
C ARG A 21 -0.90 10.89 12.14
N HIS A 22 -0.73 12.03 11.46
CA HIS A 22 -1.88 12.87 11.09
C HIS A 22 -2.67 12.26 9.96
N VAL A 23 -1.98 11.68 8.96
CA VAL A 23 -2.64 10.85 7.91
C VAL A 23 -3.49 9.74 8.51
N ALA A 24 -2.91 9.03 9.44
CA ALA A 24 -3.62 7.88 10.04
C ALA A 24 -4.80 8.35 10.82
N LYS A 25 -4.64 9.44 11.59
CA LYS A 25 -5.72 9.94 12.40
C LYS A 25 -6.94 10.29 11.55
N LEU A 26 -6.66 10.85 10.39
CA LEU A 26 -7.72 11.19 9.44
C LEU A 26 -8.36 9.96 8.85
N CYS A 27 -7.52 9.01 8.36
CA CYS A 27 -7.97 7.90 7.57
C CYS A 27 -8.75 6.93 8.45
N VAL A 28 -8.41 6.84 9.75
CA VAL A 28 -9.09 5.86 10.60
C VAL A 28 -10.45 6.35 11.02
N ASP A 29 -10.76 7.61 10.71
CA ASP A 29 -12.10 8.07 10.88
C ASP A 29 -13.04 7.53 9.80
N TYR A 30 -12.48 6.94 8.75
CA TYR A 30 -13.21 6.54 7.52
C TYR A 30 -12.98 5.09 7.18
N GLY A 31 -12.25 4.38 8.03
CA GLY A 31 -11.79 3.03 7.72
C GLY A 31 -10.81 2.47 8.71
N GLN A 32 -10.12 1.40 8.30
CA GLN A 32 -9.27 0.65 9.10
C GLN A 32 -7.82 0.74 8.60
N ARG A 33 -6.91 0.97 9.56
CA ARG A 33 -5.48 0.95 9.28
C ARG A 33 -5.01 -0.52 9.28
N VAL A 34 -4.69 -1.03 8.13
CA VAL A 34 -4.38 -2.44 7.93
C VAL A 34 -2.89 -2.77 7.93
N GLN A 35 -2.10 -1.73 7.66
CA GLN A 35 -0.65 -1.69 7.81
C GLN A 35 -0.23 -0.28 8.24
N ASN A 36 1.05 -0.09 8.54
CA ASN A 36 1.55 1.19 9.04
C ASN A 36 1.02 2.34 8.20
N SER A 37 1.05 2.18 6.88
CA SER A 37 0.70 3.30 5.99
C SER A 37 -0.26 2.88 4.92
N VAL A 38 -1.10 1.89 5.22
CA VAL A 38 -2.16 1.50 4.31
C VAL A 38 -3.51 1.44 5.05
N PHE A 39 -4.51 2.03 4.40
CA PHE A 39 -5.84 2.20 4.99
C PHE A 39 -6.92 1.71 4.05
N GLU A 40 -7.85 0.93 4.60
CA GLU A 40 -9.00 0.48 3.85
C GLU A 40 -10.18 1.31 4.27
N CYS A 41 -10.65 2.20 3.39
CA CYS A 41 -11.61 3.24 3.80
C CYS A 41 -12.92 3.03 3.07
N SER A 42 -14.02 3.26 3.73
CA SER A 42 -15.29 3.13 3.06
C SER A 42 -15.89 4.54 3.13
N VAL A 43 -16.09 5.15 1.97
CA VAL A 43 -16.44 6.56 1.90
C VAL A 43 -17.47 6.83 0.87
N THR A 44 -18.27 7.86 1.14
CA THR A 44 -19.15 8.40 0.07
C THR A 44 -18.34 9.24 -0.89
N PRO A 45 -18.90 9.56 -2.04
CA PRO A 45 -18.15 10.41 -2.97
C PRO A 45 -17.80 11.80 -2.40
N ALA A 46 -18.76 12.39 -1.69
CA ALA A 46 -18.54 13.67 -0.93
C ALA A 46 -17.46 13.55 0.15
N GLU A 47 -17.48 12.44 0.91
CA GLU A 47 -16.43 12.21 1.91
C GLU A 47 -15.06 12.08 1.21
N PHE A 48 -15.04 11.43 0.06
CA PHE A 48 -13.76 11.23 -0.62
C PHE A 48 -13.17 12.55 -1.05
N VAL A 49 -14.03 13.44 -1.57
CA VAL A 49 -13.57 14.80 -1.96
C VAL A 49 -12.98 15.49 -0.73
N ASP A 50 -13.68 15.43 0.38
CA ASP A 50 -13.19 16.06 1.63
C ASP A 50 -11.95 15.48 2.15
N ILE A 51 -11.88 14.17 2.20
CA ILE A 51 -10.64 13.53 2.62
C ILE A 51 -9.44 13.90 1.75
N LYS A 52 -9.59 13.93 0.44
CA LYS A 52 -8.47 14.40 -0.42
C LYS A 52 -7.99 15.83 -0.09
N HIS A 53 -8.94 16.76 0.06
CA HIS A 53 -8.55 18.12 0.44
C HIS A 53 -7.76 18.14 1.76
N ARG A 54 -8.24 17.39 2.74
CA ARG A 54 -7.56 17.30 4.04
C ARG A 54 -6.20 16.70 4.01
N LEU A 55 -6.09 15.63 3.23
CA LEU A 55 -4.78 14.98 3.05
C LEU A 55 -3.85 15.88 2.36
N THR A 56 -4.33 16.67 1.41
CA THR A 56 -3.46 17.63 0.71
C THR A 56 -2.84 18.67 1.64
N GLN A 57 -3.58 19.05 2.67
CA GLN A 57 -3.06 19.97 3.67
C GLN A 57 -2.07 19.29 4.65
N ILE A 58 -2.09 18.00 4.78
CA ILE A 58 -1.16 17.28 5.70
C ILE A 58 0.17 16.85 5.06
N ILE A 59 0.10 16.24 3.87
CA ILE A 59 1.31 15.65 3.27
C ILE A 59 2.22 16.71 2.75
N ASP A 60 3.47 16.33 2.61
CA ASP A 60 4.45 17.19 1.90
C ASP A 60 4.45 16.69 0.46
N GLU A 61 3.82 17.45 -0.42
CA GLU A 61 3.68 16.98 -1.82
C GLU A 61 5.00 16.85 -2.61
N LYS A 62 6.04 17.55 -2.19
CA LYS A 62 7.36 17.38 -2.77
C LYS A 62 7.99 16.04 -2.50
N THR A 63 7.79 15.49 -1.31
CA THR A 63 8.50 14.30 -0.91
C THR A 63 7.64 13.08 -0.73
N ASP A 64 6.33 13.27 -0.52
CA ASP A 64 5.43 12.17 -0.17
C ASP A 64 4.51 11.91 -1.35
N SER A 65 3.85 10.76 -1.36
CA SER A 65 2.69 10.57 -2.24
C SER A 65 1.58 9.74 -1.60
N ILE A 66 0.37 9.87 -2.16
CA ILE A 66 -0.77 9.05 -1.76
C ILE A 66 -1.39 8.53 -3.06
N ARG A 67 -1.71 7.23 -3.04
CA ARG A 67 -2.44 6.60 -4.08
C ARG A 67 -3.73 6.11 -3.51
N PHE A 68 -4.76 6.19 -4.33
CA PHE A 68 -6.11 5.70 -3.99
C PHE A 68 -6.53 4.65 -4.98
N TYR A 69 -6.83 3.45 -4.50
CA TYR A 69 -7.31 2.38 -5.37
C TYR A 69 -8.75 2.13 -5.06
N LEU A 70 -9.61 2.39 -6.04
CA LEU A 70 -11.03 2.12 -5.92
C LEU A 70 -11.33 0.65 -6.10
N LEU A 71 -11.65 -0.01 -5.02
CA LEU A 71 -11.85 -1.46 -5.05
C LEU A 71 -13.32 -1.78 -5.33
N GLY A 72 -13.58 -2.86 -6.00
CA GLY A 72 -14.96 -3.19 -6.33
C GLY A 72 -15.70 -3.78 -5.14
N LYS A 73 -16.99 -4.08 -5.33
CA LYS A 73 -17.75 -4.80 -4.31
C LYS A 73 -17.18 -6.22 -4.09
N ASN A 74 -17.23 -6.68 -2.83
CA ASN A 74 -16.61 -7.93 -2.40
C ASN A 74 -15.07 -7.94 -2.56
N TRP A 75 -14.47 -6.76 -2.58
CA TRP A 75 -12.98 -6.70 -2.52
C TRP A 75 -12.45 -7.52 -1.28
N GLN A 76 -13.29 -7.69 -0.24
CA GLN A 76 -12.90 -8.34 1.03
C GLN A 76 -12.47 -9.80 0.76
N ARG A 77 -13.06 -10.41 -0.29
CA ARG A 77 -12.80 -11.77 -0.75
C ARG A 77 -11.67 -11.86 -1.76
N ARG A 78 -10.96 -10.76 -1.98
CA ARG A 78 -9.89 -10.68 -2.97
C ARG A 78 -8.64 -10.02 -2.35
N VAL A 79 -8.47 -10.12 -1.01
CA VAL A 79 -7.25 -9.66 -0.35
C VAL A 79 -6.63 -10.83 0.42
N GLU A 80 -5.39 -11.11 0.18
CA GLU A 80 -4.67 -12.21 0.84
C GLU A 80 -3.49 -11.57 1.60
N THR A 81 -3.05 -12.17 2.74
CA THR A 81 -1.90 -11.58 3.51
C THR A 81 -0.81 -12.58 3.87
N LEU A 82 0.42 -12.09 4.08
CA LEU A 82 1.56 -12.82 4.70
C LEU A 82 2.03 -12.04 5.89
N GLY A 83 2.54 -12.74 6.94
CA GLY A 83 3.14 -12.02 8.09
C GLY A 83 2.15 -11.49 9.11
N MET B 1 -3.02 -11.19 -14.80
CA MET B 1 -3.85 -10.52 -13.79
C MET B 1 -2.99 -9.55 -12.97
N MET B 2 -3.66 -8.53 -12.44
CA MET B 2 -3.01 -7.55 -11.61
C MET B 2 -3.07 -7.81 -10.10
N VAL B 3 -1.90 -7.77 -9.44
CA VAL B 3 -1.89 -7.93 -8.02
C VAL B 3 -1.14 -6.77 -7.46
N LEU B 4 -1.81 -6.07 -6.57
CA LEU B 4 -1.18 -4.96 -5.85
C LEU B 4 -0.54 -5.51 -4.59
N VAL B 5 0.74 -5.21 -4.43
CA VAL B 5 1.53 -5.77 -3.31
C VAL B 5 1.90 -4.62 -2.38
N THR B 6 1.51 -4.68 -1.11
CA THR B 6 1.87 -3.61 -0.17
C THR B 6 2.66 -4.23 0.93
N TYR B 7 3.88 -3.74 1.11
CA TYR B 7 4.80 -4.40 2.05
C TYR B 7 5.03 -3.45 3.25
N ASP B 8 4.73 -3.92 4.43
CA ASP B 8 4.90 -3.16 5.68
C ASP B 8 6.16 -3.68 6.35
N VAL B 9 7.21 -2.90 6.24
CA VAL B 9 8.47 -3.22 6.87
C VAL B 9 9.01 -1.93 7.45
N ASN B 10 9.67 -2.04 8.57
CA ASN B 10 10.20 -0.86 9.26
C ASN B 10 11.55 -0.51 8.65
N THR B 11 11.65 0.69 8.10
CA THR B 11 12.83 1.10 7.34
C THR B 11 13.79 1.88 8.13
N GLU B 12 13.56 1.96 9.43
CA GLU B 12 14.50 2.66 10.29
C GLU B 12 15.70 1.82 10.66
N THR B 13 15.75 0.55 10.29
CA THR B 13 16.99 -0.22 10.52
C THR B 13 17.57 -0.79 9.21
N PRO B 14 18.90 -1.07 9.20
CA PRO B 14 19.51 -1.67 7.99
C PRO B 14 18.80 -2.99 7.59
N ALA B 15 18.48 -3.86 8.56
CA ALA B 15 17.84 -5.13 8.23
C ALA B 15 16.50 -4.90 7.50
N GLY B 16 15.67 -3.95 7.99
CA GLY B 16 14.43 -3.70 7.41
C GLY B 16 14.56 -3.16 5.98
N ARG B 17 15.52 -2.29 5.77
CA ARG B 17 15.74 -1.73 4.41
C ARG B 17 16.26 -2.81 3.47
N LYS B 18 16.97 -3.79 4.03
CA LYS B 18 17.54 -4.90 3.25
C LYS B 18 16.42 -5.78 2.78
N ARG B 19 15.46 -6.08 3.68
CA ARG B 19 14.32 -6.82 3.24
C ARG B 19 13.47 -6.06 2.21
N LEU B 20 13.32 -4.73 2.37
CA LEU B 20 12.53 -3.97 1.43
C LEU B 20 13.16 -4.06 0.04
N ARG B 21 14.47 -3.92 0.00
CA ARG B 21 15.21 -4.00 -1.29
C ARG B 21 15.10 -5.37 -1.91
N HIS B 22 15.13 -6.42 -1.10
CA HIS B 22 14.98 -7.81 -1.63
C HIS B 22 13.54 -7.98 -2.20
N VAL B 23 12.52 -7.56 -1.42
CA VAL B 23 11.15 -7.57 -1.91
C VAL B 23 10.96 -6.78 -3.20
N ALA B 24 11.61 -5.62 -3.25
CA ALA B 24 11.52 -4.75 -4.45
C ALA B 24 12.14 -5.39 -5.64
N LYS B 25 13.27 -6.07 -5.44
CA LYS B 25 13.94 -6.78 -6.55
C LYS B 25 13.00 -7.83 -7.06
N LEU B 26 12.44 -8.69 -6.18
CA LEU B 26 11.53 -9.71 -6.64
C LEU B 26 10.33 -9.11 -7.41
N CYS B 27 9.65 -8.10 -6.83
CA CYS B 27 8.41 -7.57 -7.38
C CYS B 27 8.56 -6.81 -8.67
N VAL B 28 9.64 -6.06 -8.79
CA VAL B 28 9.93 -5.33 -9.99
C VAL B 28 10.18 -6.22 -11.21
N ASP B 29 10.64 -7.46 -11.03
CA ASP B 29 10.63 -8.45 -12.13
C ASP B 29 9.23 -8.63 -12.79
N TYR B 30 8.15 -8.39 -12.05
CA TYR B 30 6.80 -8.57 -12.58
C TYR B 30 5.95 -7.29 -12.59
N GLY B 31 6.54 -6.12 -12.32
CA GLY B 31 5.68 -4.94 -12.32
C GLY B 31 6.43 -3.68 -11.93
N GLN B 32 5.68 -2.69 -11.49
CA GLN B 32 6.20 -1.35 -11.23
C GLN B 32 6.22 -1.04 -9.74
N ARG B 33 7.34 -0.51 -9.28
CA ARG B 33 7.41 -0.01 -7.91
C ARG B 33 6.86 1.47 -7.82
N VAL B 34 5.55 1.63 -7.68
CA VAL B 34 4.88 2.93 -7.79
C VAL B 34 5.11 3.82 -6.54
N GLN B 35 5.42 3.19 -5.41
CA GLN B 35 5.82 3.84 -4.18
C GLN B 35 6.89 2.98 -3.58
N ASN B 36 7.58 3.48 -2.58
CA ASN B 36 8.70 2.71 -2.01
C ASN B 36 8.44 1.33 -1.64
N SER B 37 7.22 1.06 -1.16
CA SER B 37 6.86 -0.24 -0.63
C SER B 37 5.56 -0.72 -1.26
N VAL B 38 5.22 -0.20 -2.46
CA VAL B 38 3.99 -0.62 -3.13
C VAL B 38 4.32 -0.95 -4.55
N PHE B 39 3.90 -2.14 -4.97
CA PHE B 39 4.17 -2.71 -6.30
C PHE B 39 2.91 -3.14 -7.05
N GLU B 40 2.83 -2.73 -8.29
CA GLU B 40 1.78 -3.11 -9.18
C GLU B 40 2.28 -4.25 -10.05
N CYS B 41 1.89 -5.46 -9.75
CA CYS B 41 2.48 -6.63 -10.43
C CYS B 41 1.53 -7.33 -11.40
N SER B 42 2.00 -7.57 -12.60
CA SER B 42 1.19 -8.25 -13.65
C SER B 42 1.73 -9.67 -13.72
N VAL B 43 0.91 -10.60 -13.24
CA VAL B 43 1.34 -11.97 -13.02
C VAL B 43 0.29 -12.99 -13.46
N THR B 44 0.75 -14.10 -14.02
CA THR B 44 -0.16 -15.26 -14.24
C THR B 44 -0.40 -15.98 -12.91
N PRO B 45 -1.46 -16.81 -12.84
CA PRO B 45 -1.73 -17.46 -11.55
C PRO B 45 -0.59 -18.27 -10.98
N ALA B 46 0.20 -18.89 -11.85
CA ALA B 46 1.38 -19.65 -11.43
C ALA B 46 2.53 -18.72 -11.00
N GLU B 47 2.73 -17.60 -11.71
CA GLU B 47 3.73 -16.57 -11.25
C GLU B 47 3.39 -16.04 -9.86
N PHE B 48 2.08 -15.89 -9.60
CA PHE B 48 1.59 -15.32 -8.30
C PHE B 48 1.94 -16.32 -7.18
N VAL B 49 1.78 -17.60 -7.47
CA VAL B 49 2.06 -18.63 -6.47
C VAL B 49 3.56 -18.66 -6.08
N ASP B 50 4.37 -18.54 -7.12
CA ASP B 50 5.80 -18.61 -7.02
C ASP B 50 6.28 -17.39 -6.22
N ILE B 51 5.68 -16.27 -6.54
CA ILE B 51 6.02 -14.98 -5.83
C ILE B 51 5.74 -15.06 -4.36
N LYS B 52 4.57 -15.60 -4.01
CA LYS B 52 4.25 -15.73 -2.60
C LYS B 52 5.22 -16.63 -1.88
N HIS B 53 5.62 -17.70 -2.57
CA HIS B 53 6.49 -18.64 -1.94
C HIS B 53 7.82 -17.90 -1.64
N ARG B 54 8.33 -17.26 -2.65
CA ARG B 54 9.58 -16.48 -2.42
C ARG B 54 9.47 -15.38 -1.36
N LEU B 55 8.40 -14.61 -1.41
CA LEU B 55 8.21 -13.56 -0.39
C LEU B 55 8.17 -14.10 1.03
N THR B 56 7.52 -15.25 1.25
CA THR B 56 7.57 -15.90 2.56
C THR B 56 9.00 -16.00 3.18
N GLN B 57 10.02 -16.41 2.41
CA GLN B 57 11.40 -16.55 2.99
C GLN B 57 12.17 -15.23 3.26
N ILE B 58 11.71 -14.14 2.65
CA ILE B 58 12.41 -12.86 2.78
C ILE B 58 11.90 -12.12 3.98
N ILE B 59 10.57 -12.11 4.18
CA ILE B 59 10.07 -11.23 5.21
C ILE B 59 10.32 -11.86 6.54
N ASP B 60 10.34 -10.99 7.54
CA ASP B 60 10.36 -11.41 8.89
C ASP B 60 8.87 -11.47 9.24
N GLU B 61 8.34 -12.69 9.35
CA GLU B 61 6.86 -12.89 9.51
C GLU B 61 6.31 -12.39 10.83
N LYS B 62 7.22 -12.23 11.79
CA LYS B 62 6.89 -11.68 13.10
C LYS B 62 6.73 -10.19 13.14
N THR B 63 7.43 -9.47 12.28
CA THR B 63 7.40 -8.03 12.35
C THR B 63 6.90 -7.32 11.08
N ASP B 64 6.76 -8.06 9.99
CA ASP B 64 6.42 -7.46 8.69
C ASP B 64 5.10 -8.04 8.23
N SER B 65 4.44 -7.41 7.27
CA SER B 65 3.31 -8.09 6.58
C SER B 65 3.31 -7.69 5.14
N ILE B 66 2.71 -8.52 4.32
CA ILE B 66 2.45 -8.20 2.93
C ILE B 66 0.97 -8.44 2.69
N ARG B 67 0.33 -7.47 2.02
CA ARG B 67 -1.02 -7.65 1.56
C ARG B 67 -1.06 -7.70 0.03
N PHE B 68 -1.91 -8.56 -0.49
CA PHE B 68 -2.06 -8.75 -1.92
C PHE B 68 -3.47 -8.43 -2.30
N TYR B 69 -3.69 -7.44 -3.17
CA TYR B 69 -5.03 -7.08 -3.55
C TYR B 69 -5.15 -7.44 -5.02
N LEU B 70 -6.10 -8.28 -5.33
CA LEU B 70 -6.31 -8.79 -6.70
C LEU B 70 -7.21 -7.74 -7.33
N LEU B 71 -6.66 -6.93 -8.21
CA LEU B 71 -7.43 -5.80 -8.74
C LEU B 71 -8.10 -6.27 -10.04
N GLY B 72 -9.20 -5.66 -10.43
CA GLY B 72 -9.90 -6.15 -11.62
C GLY B 72 -9.18 -5.86 -12.93
N LYS B 73 -9.65 -6.43 -14.05
CA LYS B 73 -9.16 -5.91 -15.34
C LYS B 73 -9.63 -4.45 -15.43
N ASN B 74 -8.92 -3.62 -16.19
CA ASN B 74 -9.19 -2.16 -16.15
C ASN B 74 -8.98 -1.47 -14.76
N TRP B 75 -8.15 -2.11 -13.93
CA TRP B 75 -7.77 -1.49 -12.63
C TRP B 75 -7.04 -0.14 -12.86
N GLN B 76 -6.36 0.03 -13.99
CA GLN B 76 -5.63 1.29 -14.28
C GLN B 76 -6.55 2.52 -14.31
N ARG B 77 -7.78 2.31 -14.74
CA ARG B 77 -8.85 3.34 -14.72
C ARG B 77 -9.48 3.50 -13.32
N ARG B 78 -8.90 2.87 -12.32
CA ARG B 78 -9.41 3.00 -10.97
C ARG B 78 -8.32 3.29 -9.94
N VAL B 79 -7.34 4.09 -10.32
CA VAL B 79 -6.31 4.57 -9.41
C VAL B 79 -6.21 6.04 -9.61
N GLU B 80 -6.18 6.76 -8.51
CA GLU B 80 -6.03 8.22 -8.51
C GLU B 80 -4.86 8.54 -7.61
N THR B 81 -4.28 9.68 -7.81
CA THR B 81 -3.23 10.06 -6.86
C THR B 81 -3.57 11.37 -6.34
N LEU B 82 -2.98 11.72 -5.25
CA LEU B 82 -3.37 12.96 -4.68
C LEU B 82 -2.69 14.05 -5.44
#